data_7YG3
#
_entry.id   7YG3
#
_cell.length_a   50.297
_cell.length_b   82.768
_cell.length_c   110.442
_cell.angle_alpha   90.000
_cell.angle_beta   90.000
_cell.angle_gamma   90.000
#
_symmetry.space_group_name_H-M   'P 21 21 21'
#
loop_
_entity.id
_entity.type
_entity.pdbx_description
1 polymer 'MHC class I antigen'
2 polymer Beta-2-microglobulin
3 polymer ARG-GLN-ASP-ILE-LEU-ASP-LEU-TRP-ILE
4 water water
#
loop_
_entity_poly.entity_id
_entity_poly.type
_entity_poly.pdbx_seq_one_letter_code
_entity_poly.pdbx_strand_id
1 'polypeptide(L)'
;GSHSMRYFYTAMSRPGRGEPRFITVGYVDDTQFVRFDSDATSPRMAPRAPWIEQEGPEYWDRETQISKTNTQTYRENLRT
ALRYYNQSEAGSHIIQRMYGCDLGPDGRLLRGHNQLAYDGKDYIALNEDLSSWTAADTAAQITQLKWEAARVAEQLRAYL
EGECVEWLRRYLENGKETLQRADPPKTHVTHHPISDHEATLRCWALGFYPAEITLTWQRDGEDQTQDTELVETRPAGDRT
FQKWAAVVVPSGEEQRYTCHVQHEGLPKPLTLRWEP
;
A
2 'polypeptide(L)'
;IQRTPKIQVYSRHPAENGKSNFLNCYVSGFHPSDIEVDLLKNGERIEKVEHSDLSFSKDWSFYLLYYTEFTPTEKDEYAC
RVNHVTLSQPKIVKWDRDM
;
C
3 'polypeptide(L)' RQDILDLWI B
#
# COMPACT_ATOMS: atom_id res chain seq x y z
N GLY A 1 -18.75 8.29 -4.43
CA GLY A 1 -18.04 7.43 -3.51
C GLY A 1 -17.53 8.16 -2.29
N SER A 2 -16.84 7.44 -1.42
CA SER A 2 -16.29 7.99 -0.19
C SER A 2 -14.78 8.09 -0.32
N HIS A 3 -14.28 9.31 -0.21
CA HIS A 3 -12.92 9.63 -0.60
C HIS A 3 -12.06 9.96 0.61
N SER A 4 -10.77 9.73 0.49
CA SER A 4 -9.83 9.92 1.58
C SER A 4 -8.56 10.57 1.06
N MET A 5 -7.92 11.36 1.92
CA MET A 5 -6.56 11.80 1.65
C MET A 5 -5.66 11.34 2.80
N ARG A 6 -4.45 10.88 2.44
CA ARG A 6 -3.50 10.43 3.45
C ARG A 6 -2.11 10.91 3.11
N TYR A 7 -1.36 11.33 4.13
CA TYR A 7 0.08 11.49 4.02
C TYR A 7 0.78 10.45 4.88
N PHE A 8 1.85 9.88 4.34
CA PHE A 8 2.64 8.85 5.02
C PHE A 8 4.06 9.34 5.14
N TYR A 9 4.56 9.44 6.36
CA TYR A 9 5.95 9.81 6.63
C TYR A 9 6.70 8.62 7.20
N THR A 10 7.94 8.42 6.76
CA THR A 10 8.81 7.39 7.31
C THR A 10 10.23 7.92 7.44
N ALA A 11 10.85 7.70 8.58
CA ALA A 11 12.28 7.95 8.74
C ALA A 11 12.96 6.67 9.18
N MET A 12 14.07 6.30 8.53
CA MET A 12 14.77 5.04 8.76
C MET A 12 16.22 5.38 9.09
N SER A 13 16.66 5.13 10.33
CA SER A 13 18.07 5.35 10.64
C SER A 13 18.94 4.21 10.11
N ARG A 14 20.22 4.53 9.98
CA ARG A 14 21.19 3.63 9.36
C ARG A 14 22.58 4.02 9.86
N PRO A 15 22.87 3.80 11.15
CA PRO A 15 24.13 4.28 11.72
C PRO A 15 25.33 3.76 10.94
N GLY A 16 26.27 4.67 10.67
CA GLY A 16 27.44 4.36 9.87
C GLY A 16 27.24 4.56 8.39
N ARG A 17 26.02 4.86 7.94
CA ARG A 17 25.68 5.03 6.54
C ARG A 17 24.97 6.35 6.33
N GLY A 18 25.42 7.39 7.03
CA GLY A 18 24.80 8.71 6.90
C GLY A 18 23.62 8.91 7.83
N GLU A 19 22.87 9.97 7.54
CA GLU A 19 21.74 10.35 8.36
C GLU A 19 20.49 9.57 7.96
N PRO A 20 19.48 9.48 8.84
CA PRO A 20 18.30 8.66 8.50
C PRO A 20 17.59 9.16 7.24
N ARG A 21 17.24 8.21 6.38
CA ARG A 21 16.43 8.55 5.21
C ARG A 21 15.04 8.98 5.64
N PHE A 22 14.53 10.04 5.03
CA PHE A 22 13.17 10.50 5.28
C PHE A 22 12.39 10.51 3.97
N ILE A 23 11.22 9.88 3.98
CA ILE A 23 10.35 9.86 2.81
C ILE A 23 8.96 10.34 3.18
N THR A 24 8.26 10.88 2.20
CA THR A 24 6.84 11.17 2.34
C THR A 24 6.15 10.82 1.03
N VAL A 25 4.97 10.21 1.13
CA VAL A 25 4.09 10.05 -0.02
C VAL A 25 2.70 10.50 0.38
N GLY A 26 2.01 11.14 -0.55
CA GLY A 26 0.61 11.52 -0.37
C GLY A 26 -0.26 10.73 -1.31
N TYR A 27 -1.45 10.34 -0.83
CA TYR A 27 -2.45 9.60 -1.60
C TYR A 27 -3.79 10.31 -1.51
N VAL A 28 -4.54 10.22 -2.61
CA VAL A 28 -6.00 10.35 -2.58
C VAL A 28 -6.53 8.96 -2.92
N ASP A 29 -7.25 8.35 -1.97
CA ASP A 29 -7.70 6.97 -2.11
C ASP A 29 -6.51 6.08 -2.44
N ASP A 30 -6.55 5.35 -3.55
CA ASP A 30 -5.47 4.46 -3.93
C ASP A 30 -4.55 5.05 -5.01
N THR A 31 -4.54 6.37 -5.14
CA THR A 31 -3.72 7.07 -6.14
C THR A 31 -2.69 7.91 -5.43
N GLN A 32 -1.41 7.56 -5.63
CA GLN A 32 -0.33 8.38 -5.12
C GLN A 32 -0.24 9.67 -5.95
N PHE A 33 -0.03 10.80 -5.28
CA PHE A 33 0.01 12.07 -6.01
C PHE A 33 1.22 12.94 -5.74
N VAL A 34 1.96 12.75 -4.65
CA VAL A 34 3.20 13.47 -4.40
C VAL A 34 4.17 12.54 -3.70
N ARG A 35 5.46 12.81 -3.88
CA ARG A 35 6.51 12.07 -3.20
C ARG A 35 7.67 13.00 -2.85
N PHE A 36 8.34 12.68 -1.74
CA PHE A 36 9.56 13.35 -1.31
C PHE A 36 10.51 12.28 -0.78
N ASP A 37 11.81 12.46 -1.04
CA ASP A 37 12.82 11.51 -0.58
C ASP A 37 14.10 12.27 -0.30
N SER A 38 14.58 12.23 0.95
CA SER A 38 15.84 12.89 1.29
C SER A 38 17.04 12.30 0.56
N ASP A 39 16.91 11.08 0.05
CA ASP A 39 17.99 10.47 -0.73
C ASP A 39 17.95 10.83 -2.20
N ALA A 40 16.95 11.58 -2.64
CA ALA A 40 16.98 12.11 -4.01
C ALA A 40 18.19 13.01 -4.17
N THR A 41 18.66 13.10 -5.43
CA THR A 41 19.82 13.94 -5.71
C THR A 41 19.57 15.37 -5.29
N SER A 42 18.37 15.89 -5.56
CA SER A 42 17.95 17.23 -5.16
C SER A 42 16.58 17.08 -4.52
N PRO A 43 16.51 16.87 -3.21
CA PRO A 43 15.21 16.56 -2.59
C PRO A 43 14.19 17.67 -2.81
N ARG A 44 12.99 17.27 -3.23
CA ARG A 44 11.92 18.21 -3.51
C ARG A 44 10.63 17.41 -3.51
N MET A 45 9.54 18.03 -3.08
CA MET A 45 8.25 17.36 -3.20
C MET A 45 7.91 17.37 -4.70
N ALA A 46 7.59 16.22 -5.27
CA ALA A 46 7.44 16.09 -6.70
C ALA A 46 6.08 15.50 -7.04
N PRO A 47 5.52 15.87 -8.20
CA PRO A 47 4.21 15.34 -8.59
C PRO A 47 4.29 13.89 -9.02
N ARG A 48 3.21 13.15 -8.75
CA ARG A 48 3.10 11.77 -9.17
C ARG A 48 1.75 11.46 -9.83
N ALA A 49 0.92 12.48 -10.06
CA ALA A 49 -0.35 12.30 -10.76
C ALA A 49 -0.59 13.53 -11.63
N PRO A 50 -1.17 13.37 -12.81
CA PRO A 50 -1.30 14.52 -13.72
C PRO A 50 -2.08 15.68 -13.12
N TRP A 51 -3.12 15.41 -12.32
CA TRP A 51 -3.98 16.47 -11.81
C TRP A 51 -3.35 17.33 -10.73
N ILE A 52 -2.19 16.97 -10.18
CA ILE A 52 -1.51 17.84 -9.22
C ILE A 52 -0.52 18.77 -9.92
N GLU A 53 -0.18 18.49 -11.18
CA GLU A 53 0.84 19.27 -11.89
C GLU A 53 0.42 20.71 -12.13
N GLN A 54 -0.88 21.00 -12.10
CA GLN A 54 -1.34 22.36 -12.33
C GLN A 54 -1.16 23.27 -11.12
N GLU A 55 -0.83 22.72 -9.94
CA GLU A 55 -0.52 23.58 -8.82
C GLU A 55 0.74 24.37 -9.14
N GLY A 56 0.73 25.65 -8.80
CA GLY A 56 1.79 26.55 -9.22
C GLY A 56 3.06 26.37 -8.43
N PRO A 57 4.09 27.13 -8.83
CA PRO A 57 5.40 27.01 -8.16
C PRO A 57 5.33 27.24 -6.66
N GLU A 58 4.41 28.08 -6.19
CA GLU A 58 4.41 28.37 -4.76
C GLU A 58 3.85 27.20 -3.95
N TYR A 59 3.00 26.38 -4.56
CA TYR A 59 2.57 25.13 -3.91
C TYR A 59 3.76 24.20 -3.69
N TRP A 60 4.59 24.04 -4.70
CA TRP A 60 5.73 23.13 -4.60
C TRP A 60 6.78 23.66 -3.65
N ASP A 61 7.01 24.98 -3.63
CA ASP A 61 7.93 25.54 -2.65
C ASP A 61 7.48 25.25 -1.22
N ARG A 62 6.19 25.44 -0.94
CA ARG A 62 5.71 25.20 0.41
C ARG A 62 5.82 23.73 0.79
N GLU A 63 5.38 22.83 -0.09
CA GLU A 63 5.43 21.40 0.23
C GLU A 63 6.86 20.93 0.42
N THR A 64 7.79 21.45 -0.38
CA THR A 64 9.20 21.06 -0.26
C THR A 64 9.78 21.57 1.04
N GLN A 65 9.47 22.80 1.42
CA GLN A 65 10.00 23.34 2.66
C GLN A 65 9.46 22.56 3.85
N ILE A 66 8.18 22.17 3.81
CA ILE A 66 7.62 21.35 4.87
C ILE A 66 8.35 20.02 4.97
N SER A 67 8.57 19.36 3.83
CA SER A 67 9.22 18.06 3.84
C SER A 67 10.68 18.15 4.28
N LYS A 68 11.38 19.22 3.89
CA LYS A 68 12.75 19.39 4.35
C LYS A 68 12.81 19.65 5.84
N THR A 69 11.85 20.40 6.38
CA THR A 69 11.76 20.57 7.83
C THR A 69 11.48 19.23 8.49
N ASN A 70 10.55 18.44 7.91
CA ASN A 70 10.20 17.15 8.49
C ASN A 70 11.38 16.19 8.49
N THR A 71 12.24 16.24 7.47
CA THR A 71 13.44 15.42 7.51
C THR A 71 14.22 15.65 8.80
N GLN A 72 14.38 16.91 9.18
CA GLN A 72 15.10 17.21 10.40
C GLN A 72 14.31 16.85 11.65
N THR A 73 13.00 17.13 11.66
CA THR A 73 12.17 16.83 12.83
C THR A 73 12.16 15.34 13.12
N TYR A 74 11.97 14.51 12.09
CA TYR A 74 11.89 13.07 12.33
C TYR A 74 13.25 12.45 12.67
N ARG A 75 14.35 13.05 12.21
CA ARG A 75 15.66 12.63 12.69
C ARG A 75 15.81 12.93 14.18
N GLU A 76 15.33 14.10 14.63
CA GLU A 76 15.32 14.38 16.06
C GLU A 76 14.45 13.38 16.79
N ASN A 77 13.30 13.01 16.21
CA ASN A 77 12.41 12.06 16.87
C ASN A 77 13.05 10.69 17.01
N LEU A 78 13.84 10.26 16.01
CA LEU A 78 14.56 9.00 16.14
C LEU A 78 15.55 9.06 17.29
N ARG A 79 16.23 10.20 17.47
CA ARG A 79 17.14 10.35 18.59
C ARG A 79 16.39 10.27 19.92
N THR A 80 15.24 10.96 20.00
CA THR A 80 14.42 10.89 21.22
C THR A 80 13.97 9.46 21.50
N ALA A 81 13.56 8.73 20.46
CA ALA A 81 13.07 7.37 20.69
C ALA A 81 14.16 6.48 21.29
N LEU A 82 15.42 6.66 20.88
CA LEU A 82 16.49 5.90 21.51
C LEU A 82 16.50 6.12 23.02
N ARG A 83 16.37 7.38 23.44
CA ARG A 83 16.33 7.66 24.87
C ARG A 83 15.10 7.04 25.54
N TYR A 84 13.94 7.10 24.87
CA TYR A 84 12.71 6.59 25.47
C TYR A 84 12.70 5.07 25.64
N TYR A 85 13.47 4.34 24.83
CA TYR A 85 13.51 2.89 24.89
C TYR A 85 14.85 2.34 25.34
N ASN A 86 15.74 3.19 25.83
CA ASN A 86 17.05 2.77 26.36
C ASN A 86 17.86 2.01 25.33
N GLN A 87 17.86 2.50 24.08
CA GLN A 87 18.50 1.84 22.96
C GLN A 87 19.80 2.54 22.60
N SER A 88 20.71 1.76 22.03
CA SER A 88 22.01 2.32 21.68
C SER A 88 21.96 3.04 20.34
N GLU A 89 23.05 3.72 20.03
CA GLU A 89 23.20 4.40 18.75
C GLU A 89 23.68 3.46 17.65
N ALA A 90 23.81 2.16 17.91
CA ALA A 90 24.30 1.22 16.92
C ALA A 90 23.20 0.64 16.04
N GLY A 91 21.95 0.60 16.51
CA GLY A 91 20.91 -0.08 15.77
C GLY A 91 20.16 0.82 14.79
N SER A 92 19.51 0.17 13.82
CA SER A 92 18.66 0.85 12.84
C SER A 92 17.21 0.80 13.30
N HIS A 93 16.52 1.95 13.24
CA HIS A 93 15.15 2.06 13.74
C HIS A 93 14.30 2.86 12.76
N ILE A 94 12.97 2.75 12.90
CA ILE A 94 12.04 3.34 11.95
C ILE A 94 10.92 4.03 12.72
N ILE A 95 10.63 5.27 12.35
CA ILE A 95 9.44 5.96 12.81
C ILE A 95 8.53 6.23 11.63
N GLN A 96 7.23 6.02 11.83
CA GLN A 96 6.24 6.20 10.78
C GLN A 96 5.09 7.03 11.31
N ARG A 97 4.49 7.82 10.41
CA ARG A 97 3.32 8.62 10.73
C ARG A 97 2.35 8.54 9.55
N MET A 98 1.08 8.44 9.87
CA MET A 98 0.01 8.55 8.90
C MET A 98 -0.97 9.60 9.41
N TYR A 99 -1.47 10.45 8.52
CA TYR A 99 -2.56 11.36 8.89
C TYR A 99 -3.40 11.68 7.67
N GLY A 100 -4.61 12.16 7.92
CA GLY A 100 -5.47 12.60 6.85
C GLY A 100 -6.92 12.51 7.23
N CYS A 101 -7.76 12.58 6.21
CA CYS A 101 -9.18 12.79 6.38
C CYS A 101 -9.98 11.90 5.44
N ASP A 102 -11.15 11.46 5.93
CA ASP A 102 -12.11 10.69 5.15
C ASP A 102 -13.35 11.55 5.00
N LEU A 103 -13.92 11.54 3.80
CA LEU A 103 -15.17 12.24 3.51
C LEU A 103 -16.30 11.25 3.34
N GLY A 104 -17.50 11.69 3.72
CA GLY A 104 -18.70 10.90 3.50
C GLY A 104 -19.25 11.13 2.12
N PRO A 105 -20.41 10.54 1.83
CA PRO A 105 -20.96 10.63 0.46
C PRO A 105 -21.30 12.03 0.01
N ASP A 106 -21.48 12.97 0.93
CA ASP A 106 -21.84 14.35 0.60
C ASP A 106 -20.66 15.31 0.67
N GLY A 107 -19.43 14.79 0.76
CA GLY A 107 -18.26 15.64 0.83
C GLY A 107 -17.94 16.21 2.19
N ARG A 108 -18.71 15.84 3.22
CA ARG A 108 -18.44 16.32 4.57
C ARG A 108 -17.46 15.39 5.28
N LEU A 109 -16.77 15.93 6.28
CA LEU A 109 -15.84 15.13 7.06
C LEU A 109 -16.54 13.94 7.71
N LEU A 110 -15.99 12.76 7.46
CA LEU A 110 -16.44 11.55 8.13
C LEU A 110 -15.62 11.32 9.39
N ARG A 111 -14.29 11.35 9.25
CA ARG A 111 -13.40 11.31 10.41
C ARG A 111 -11.99 11.68 9.96
N GLY A 112 -11.18 12.05 10.94
CA GLY A 112 -9.77 12.34 10.74
C GLY A 112 -8.89 11.31 11.41
N HIS A 113 -7.60 11.38 11.07
CA HIS A 113 -6.60 10.42 11.51
C HIS A 113 -5.27 11.12 11.74
N ASN A 114 -4.57 10.69 12.79
CA ASN A 114 -3.18 11.05 13.06
C ASN A 114 -2.55 10.03 13.98
N GLN A 115 -1.66 9.19 13.45
CA GLN A 115 -1.12 8.11 14.24
C GLN A 115 0.37 7.97 13.94
N LEU A 116 1.13 7.50 14.92
CA LEU A 116 2.54 7.21 14.73
C LEU A 116 2.84 5.81 15.22
N ALA A 117 3.91 5.24 14.65
CA ALA A 117 4.47 3.95 15.04
C ALA A 117 5.98 4.07 15.16
N TYR A 118 6.56 3.22 16.00
CA TYR A 118 8.01 3.12 16.16
C TYR A 118 8.37 1.66 16.04
N ASP A 119 9.35 1.37 15.19
CA ASP A 119 9.79 0.02 14.86
C ASP A 119 8.61 -0.90 14.53
N GLY A 120 7.64 -0.35 13.80
CA GLY A 120 6.53 -1.13 13.27
C GLY A 120 5.39 -1.37 14.25
N LYS A 121 5.49 -0.87 15.47
CA LYS A 121 4.47 -1.05 16.49
C LYS A 121 3.79 0.28 16.77
N ASP A 122 2.48 0.24 16.97
CA ASP A 122 1.75 1.46 17.30
C ASP A 122 2.40 2.16 18.48
N TYR A 123 2.51 3.50 18.36
CA TYR A 123 3.14 4.35 19.37
C TYR A 123 2.12 5.28 19.99
N ILE A 124 1.54 6.20 19.23
CA ILE A 124 0.50 7.09 19.75
C ILE A 124 -0.51 7.35 18.63
N ALA A 125 -1.76 7.58 19.02
CA ALA A 125 -2.82 7.88 18.06
C ALA A 125 -3.72 8.98 18.59
N LEU A 126 -4.10 9.89 17.71
CA LEU A 126 -5.17 10.84 18.01
C LEU A 126 -6.49 10.09 17.94
N ASN A 127 -7.30 10.22 18.98
CA ASN A 127 -8.59 9.54 19.01
C ASN A 127 -9.56 10.16 18.00
N GLU A 128 -10.63 9.41 17.71
CA GLU A 128 -11.61 9.88 16.71
C GLU A 128 -12.23 11.21 17.11
N ASP A 129 -12.26 11.53 18.42
CA ASP A 129 -12.74 12.84 18.86
C ASP A 129 -11.85 14.00 18.39
N LEU A 130 -10.67 13.72 17.85
CA LEU A 130 -9.69 14.74 17.44
C LEU A 130 -9.33 15.65 18.61
N SER A 131 -9.41 15.13 19.83
CA SER A 131 -9.22 15.93 21.03
C SER A 131 -8.39 15.26 22.10
N SER A 132 -8.25 13.94 22.07
CA SER A 132 -7.53 13.20 23.10
C SER A 132 -6.67 12.15 22.41
N TRP A 133 -5.80 11.52 23.20
CA TRP A 133 -4.75 10.64 22.70
C TRP A 133 -4.85 9.26 23.32
N THR A 134 -4.42 8.26 22.57
CA THR A 134 -4.16 6.91 23.10
C THR A 134 -2.69 6.57 22.90
N ALA A 135 -1.99 6.39 24.01
CA ALA A 135 -0.57 6.01 24.01
C ALA A 135 -0.43 4.50 24.18
N ALA A 136 0.46 3.89 23.40
CA ALA A 136 0.58 2.45 23.42
C ALA A 136 1.43 1.93 24.57
N ASP A 137 2.31 2.75 25.12
CA ASP A 137 3.25 2.28 26.15
C ASP A 137 3.71 3.48 26.97
N THR A 138 4.58 3.22 27.95
CA THR A 138 4.98 4.30 28.85
C THR A 138 5.84 5.36 28.16
N ALA A 139 6.54 5.00 27.08
CA ALA A 139 7.27 5.99 26.29
C ALA A 139 6.31 6.95 25.62
N ALA A 140 5.30 6.42 24.93
CA ALA A 140 4.32 7.29 24.28
C ALA A 140 3.55 8.13 25.28
N GLN A 141 3.45 7.67 26.53
CA GLN A 141 2.79 8.49 27.55
C GLN A 141 3.58 9.77 27.83
N ILE A 142 4.91 9.70 27.72
CA ILE A 142 5.74 10.90 27.84
C ILE A 142 5.40 11.87 26.71
N THR A 143 5.34 11.36 25.49
CA THR A 143 4.90 12.18 24.36
C THR A 143 3.51 12.76 24.60
N GLN A 144 2.57 11.93 25.05
CA GLN A 144 1.21 12.41 25.29
C GLN A 144 1.20 13.61 26.24
N LEU A 145 1.97 13.54 27.32
CA LEU A 145 2.03 14.67 28.25
C LEU A 145 2.55 15.92 27.56
N LYS A 146 3.60 15.77 26.74
CA LYS A 146 4.12 16.92 26.01
C LYS A 146 3.08 17.49 25.07
N TRP A 147 2.36 16.63 24.36
CA TRP A 147 1.40 17.12 23.38
C TRP A 147 0.15 17.69 24.03
N GLU A 148 -0.23 17.19 25.21
CA GLU A 148 -1.31 17.83 25.95
C GLU A 148 -0.88 19.20 26.43
N ALA A 149 0.36 19.33 26.91
CA ALA A 149 0.83 20.62 27.40
C ALA A 149 0.85 21.66 26.28
N ALA A 150 1.18 21.23 25.07
CA ALA A 150 1.27 22.15 23.94
C ALA A 150 -0.02 22.28 23.15
N ARG A 151 -1.10 21.63 23.59
CA ARG A 151 -2.39 21.65 22.89
C ARG A 151 -2.25 21.28 21.40
N VAL A 152 -1.50 20.21 21.17
CA VAL A 152 -1.25 19.71 19.81
C VAL A 152 -2.55 19.24 19.16
N ALA A 153 -3.39 18.53 19.93
CA ALA A 153 -4.60 17.96 19.34
C ALA A 153 -5.49 19.04 18.72
N GLU A 154 -5.60 20.19 19.40
CA GLU A 154 -6.42 21.28 18.88
C GLU A 154 -5.92 21.75 17.53
N GLN A 155 -4.60 21.80 17.34
CA GLN A 155 -4.06 22.26 16.06
C GLN A 155 -4.25 21.21 14.98
N LEU A 156 -4.07 19.93 15.32
CA LEU A 156 -4.31 18.89 14.33
C LEU A 156 -5.78 18.85 13.95
N ARG A 157 -6.69 19.03 14.91
CA ARG A 157 -8.10 19.07 14.60
C ARG A 157 -8.39 20.20 13.60
N ALA A 158 -7.79 21.36 13.82
CA ALA A 158 -8.05 22.48 12.92
C ALA A 158 -7.61 22.17 11.50
N TYR A 159 -6.46 21.49 11.35
CA TYR A 159 -6.03 21.08 10.01
C TYR A 159 -6.96 20.03 9.42
N LEU A 160 -7.30 19.01 10.21
CA LEU A 160 -8.07 17.90 9.66
C LEU A 160 -9.46 18.33 9.22
N GLU A 161 -10.10 19.22 10.01
CA GLU A 161 -11.44 19.66 9.66
C GLU A 161 -11.44 20.78 8.63
N GLY A 162 -10.31 21.46 8.45
CA GLY A 162 -10.22 22.60 7.58
C GLY A 162 -9.46 22.29 6.31
N GLU A 163 -8.15 22.57 6.31
CA GLU A 163 -7.34 22.39 5.10
C GLU A 163 -7.42 20.97 4.53
N CYS A 164 -7.41 19.94 5.38
CA CYS A 164 -7.41 18.59 4.84
C CYS A 164 -8.64 18.35 3.97
N VAL A 165 -9.82 18.68 4.49
CA VAL A 165 -11.06 18.52 3.73
C VAL A 165 -11.07 19.43 2.52
N GLU A 166 -10.66 20.69 2.69
CA GLU A 166 -10.73 21.65 1.59
C GLU A 166 -9.81 21.25 0.45
N TRP A 167 -8.58 20.83 0.78
CA TRP A 167 -7.66 20.47 -0.28
C TRP A 167 -8.04 19.13 -0.91
N LEU A 168 -8.56 18.19 -0.11
CA LEU A 168 -9.04 16.94 -0.72
C LEU A 168 -10.14 17.23 -1.74
N ARG A 169 -11.09 18.11 -1.39
CA ARG A 169 -12.14 18.45 -2.33
C ARG A 169 -11.59 19.11 -3.58
N ARG A 170 -10.59 19.99 -3.43
CA ARG A 170 -9.95 20.57 -4.60
C ARG A 170 -9.33 19.50 -5.49
N TYR A 171 -8.58 18.57 -4.88
CA TYR A 171 -7.94 17.53 -5.68
C TYR A 171 -8.96 16.66 -6.38
N LEU A 172 -10.04 16.29 -5.68
CA LEU A 172 -11.10 15.49 -6.30
C LEU A 172 -11.69 16.19 -7.51
N GLU A 173 -11.84 17.51 -7.46
CA GLU A 173 -12.39 18.23 -8.62
C GLU A 173 -11.38 18.28 -9.75
N ASN A 174 -10.11 18.58 -9.43
CA ASN A 174 -9.09 18.63 -10.47
C ASN A 174 -8.87 17.25 -11.10
N GLY A 175 -9.01 16.18 -10.31
CA GLY A 175 -8.90 14.84 -10.84
C GLY A 175 -10.23 14.13 -11.04
N LYS A 176 -11.29 14.88 -11.38
CA LYS A 176 -12.63 14.28 -11.42
C LYS A 176 -12.79 13.20 -12.48
N GLU A 177 -11.94 13.18 -13.51
CA GLU A 177 -12.04 12.14 -14.54
C GLU A 177 -11.52 10.80 -14.06
N THR A 178 -10.67 10.77 -13.04
CA THR A 178 -9.99 9.56 -12.60
C THR A 178 -10.28 9.25 -11.13
N LEU A 179 -10.01 10.21 -10.24
CA LEU A 179 -10.27 9.99 -8.82
C LEU A 179 -11.74 9.68 -8.55
N GLN A 180 -12.64 10.27 -9.32
CA GLN A 180 -14.08 10.07 -9.13
C GLN A 180 -14.66 9.07 -10.13
N ARG A 181 -13.83 8.16 -10.65
CA ARG A 181 -14.28 7.10 -11.53
C ARG A 181 -13.89 5.77 -10.92
N ALA A 182 -14.89 4.93 -10.67
CA ALA A 182 -14.64 3.55 -10.26
C ALA A 182 -14.61 2.68 -11.51
N ASP A 183 -13.60 1.82 -11.61
CA ASP A 183 -13.54 0.84 -12.69
C ASP A 183 -13.95 -0.50 -12.12
N PRO A 184 -15.01 -1.14 -12.64
CA PRO A 184 -15.46 -2.40 -12.04
C PRO A 184 -14.50 -3.52 -12.38
N PRO A 185 -14.50 -4.59 -11.59
CA PRO A 185 -13.65 -5.75 -11.93
C PRO A 185 -14.15 -6.44 -13.19
N LYS A 186 -13.20 -6.89 -13.99
CA LYS A 186 -13.45 -7.84 -15.06
C LYS A 186 -13.27 -9.23 -14.45
N THR A 187 -14.30 -10.05 -14.51
CA THR A 187 -14.34 -11.29 -13.74
C THR A 187 -14.47 -12.51 -14.63
N HIS A 188 -13.79 -13.59 -14.23
CA HIS A 188 -13.91 -14.88 -14.90
C HIS A 188 -13.42 -15.99 -13.98
N VAL A 189 -13.81 -17.22 -14.30
CA VAL A 189 -13.42 -18.41 -13.55
C VAL A 189 -12.60 -19.33 -14.43
N THR A 190 -11.44 -19.75 -13.93
CA THR A 190 -10.59 -20.72 -14.60
C THR A 190 -10.59 -22.03 -13.82
N HIS A 191 -10.20 -23.11 -14.52
CA HIS A 191 -10.30 -24.47 -14.01
C HIS A 191 -8.94 -25.13 -14.23
N HIS A 192 -8.37 -25.69 -13.16
CA HIS A 192 -7.01 -26.22 -13.19
C HIS A 192 -6.98 -27.60 -12.55
N PRO A 193 -7.03 -28.68 -13.33
CA PRO A 193 -6.96 -30.01 -12.74
C PRO A 193 -5.70 -30.18 -11.91
N ILE A 194 -5.86 -30.78 -10.73
CA ILE A 194 -4.75 -31.09 -9.84
C ILE A 194 -4.41 -32.57 -9.88
N SER A 195 -5.37 -33.42 -10.18
CA SER A 195 -5.21 -34.87 -10.23
C SER A 195 -6.47 -35.40 -10.89
N ASP A 196 -6.56 -36.72 -11.02
CA ASP A 196 -7.82 -37.31 -11.47
C ASP A 196 -9.00 -36.96 -10.56
N HIS A 197 -8.72 -36.61 -9.30
CA HIS A 197 -9.74 -36.54 -8.25
C HIS A 197 -10.24 -35.13 -7.96
N GLU A 198 -9.46 -34.10 -8.33
CA GLU A 198 -9.76 -32.75 -7.89
C GLU A 198 -9.25 -31.74 -8.91
N ALA A 199 -9.83 -30.54 -8.86
CA ALA A 199 -9.37 -29.42 -9.67
C ALA A 199 -9.53 -28.13 -8.87
N THR A 200 -8.70 -27.14 -9.20
CA THR A 200 -8.82 -25.81 -8.63
C THR A 200 -9.77 -24.99 -9.48
N LEU A 201 -10.75 -24.35 -8.85
CA LEU A 201 -11.49 -23.27 -9.49
C LEU A 201 -10.94 -21.96 -8.96
N ARG A 202 -10.50 -21.09 -9.88
CA ARG A 202 -9.94 -19.79 -9.50
C ARG A 202 -10.83 -18.70 -10.06
N CYS A 203 -11.37 -17.87 -9.18
CA CYS A 203 -12.22 -16.75 -9.57
C CYS A 203 -11.36 -15.48 -9.59
N TRP A 204 -11.31 -14.83 -10.73
CA TRP A 204 -10.45 -13.68 -10.97
C TRP A 204 -11.26 -12.39 -11.00
N ALA A 205 -10.70 -11.34 -10.40
CA ALA A 205 -11.18 -9.97 -10.55
C ALA A 205 -9.98 -9.14 -11.02
N LEU A 206 -10.10 -8.50 -12.17
CA LEU A 206 -8.99 -7.79 -12.79
C LEU A 206 -9.41 -6.40 -13.21
N GLY A 207 -8.44 -5.47 -13.20
CA GLY A 207 -8.72 -4.17 -13.77
C GLY A 207 -9.58 -3.24 -12.96
N PHE A 208 -9.72 -3.44 -11.66
CA PHE A 208 -10.63 -2.63 -10.85
C PHE A 208 -9.94 -1.50 -10.09
N TYR A 209 -10.72 -0.46 -9.80
CA TYR A 209 -10.28 0.70 -9.03
C TYR A 209 -11.55 1.25 -8.37
N PRO A 210 -11.53 1.56 -7.07
CA PRO A 210 -10.39 1.50 -6.16
C PRO A 210 -10.17 0.06 -5.67
N ALA A 211 -9.25 -0.13 -4.73
CA ALA A 211 -8.79 -1.47 -4.37
C ALA A 211 -9.80 -2.26 -3.55
N GLU A 212 -10.72 -1.60 -2.82
CA GLU A 212 -11.63 -2.36 -1.97
C GLU A 212 -12.46 -3.30 -2.83
N ILE A 213 -12.54 -4.57 -2.42
CA ILE A 213 -13.37 -5.53 -3.14
C ILE A 213 -13.68 -6.67 -2.20
N THR A 214 -14.77 -7.38 -2.48
CA THR A 214 -15.09 -8.61 -1.78
C THR A 214 -15.24 -9.72 -2.81
N LEU A 215 -14.55 -10.84 -2.58
CA LEU A 215 -14.50 -11.93 -3.53
C LEU A 215 -14.54 -13.22 -2.74
N THR A 216 -15.60 -14.02 -2.91
CA THR A 216 -15.78 -15.23 -2.11
C THR A 216 -16.31 -16.37 -2.95
N TRP A 217 -16.15 -17.59 -2.43
CA TRP A 217 -16.74 -18.79 -3.02
C TRP A 217 -17.82 -19.35 -2.10
N GLN A 218 -18.86 -19.90 -2.70
CA GLN A 218 -19.88 -20.66 -2.00
C GLN A 218 -20.00 -22.03 -2.63
N ARG A 219 -20.34 -23.03 -1.79
CA ARG A 219 -20.66 -24.38 -2.24
C ARG A 219 -22.06 -24.67 -1.74
N ASP A 220 -22.99 -24.99 -2.65
CA ASP A 220 -24.39 -25.20 -2.29
C ASP A 220 -24.95 -24.00 -1.53
N GLY A 221 -24.48 -22.80 -1.86
CA GLY A 221 -24.97 -21.60 -1.21
C GLY A 221 -24.34 -21.28 0.13
N GLU A 222 -23.33 -22.03 0.57
CA GLU A 222 -22.69 -21.83 1.86
C GLU A 222 -21.27 -21.32 1.67
N ASP A 223 -20.92 -20.28 2.42
CA ASP A 223 -19.59 -19.67 2.31
C ASP A 223 -18.50 -20.67 2.61
N GLN A 224 -17.41 -20.59 1.84
CA GLN A 224 -16.28 -21.52 1.93
C GLN A 224 -15.02 -20.83 2.45
N THR A 225 -15.16 -19.92 3.41
CA THR A 225 -14.04 -19.08 3.81
C THR A 225 -12.85 -19.90 4.27
N GLN A 226 -13.10 -20.92 5.09
CA GLN A 226 -12.01 -21.73 5.62
C GLN A 226 -11.30 -22.56 4.55
N ASP A 227 -11.96 -22.83 3.42
CA ASP A 227 -11.37 -23.65 2.36
C ASP A 227 -10.98 -22.85 1.12
N THR A 228 -11.04 -21.53 1.19
CA THR A 228 -10.69 -20.68 0.06
C THR A 228 -9.29 -20.13 0.24
N GLU A 229 -8.49 -20.16 -0.82
CA GLU A 229 -7.24 -19.43 -0.85
C GLU A 229 -7.50 -18.06 -1.48
N LEU A 230 -7.31 -17.00 -0.68
CA LEU A 230 -7.63 -15.63 -1.09
C LEU A 230 -6.34 -14.83 -1.06
N VAL A 231 -5.83 -14.43 -2.22
CA VAL A 231 -4.58 -13.66 -2.27
C VAL A 231 -4.85 -12.19 -1.93
N GLU A 232 -3.81 -11.52 -1.45
CA GLU A 232 -3.93 -10.10 -1.17
C GLU A 232 -4.17 -9.35 -2.48
N THR A 233 -5.03 -8.33 -2.39
CA THR A 233 -5.23 -7.45 -3.53
C THR A 233 -3.90 -6.83 -3.94
N ARG A 234 -3.62 -6.81 -5.24
CA ARG A 234 -2.30 -6.47 -5.74
C ARG A 234 -2.39 -5.47 -6.88
N PRO A 235 -1.41 -4.55 -7.01
CA PRO A 235 -1.47 -3.54 -8.06
C PRO A 235 -1.05 -4.10 -9.41
N ALA A 236 -1.78 -3.72 -10.46
CA ALA A 236 -1.39 -4.16 -11.80
C ALA A 236 -0.32 -3.28 -12.43
N GLY A 237 -0.16 -2.04 -11.96
CA GLY A 237 0.78 -1.11 -12.55
C GLY A 237 0.16 -0.09 -13.48
N ASP A 238 -1.15 -0.19 -13.74
CA ASP A 238 -1.86 0.73 -14.63
C ASP A 238 -2.93 1.52 -13.89
N ARG A 239 -2.97 1.43 -12.56
CA ARG A 239 -3.70 2.31 -11.64
C ARG A 239 -4.59 1.27 -10.96
N THR A 240 -4.86 0.14 -11.65
CA THR A 240 -5.89 -0.80 -11.21
C THR A 240 -5.31 -1.92 -10.36
N PHE A 241 -6.20 -2.77 -9.84
CA PHE A 241 -5.85 -3.83 -8.92
C PHE A 241 -6.42 -5.15 -9.42
N GLN A 242 -5.87 -6.22 -8.83
CA GLN A 242 -6.21 -7.60 -9.17
C GLN A 242 -6.38 -8.38 -7.87
N LYS A 243 -7.22 -9.42 -7.94
CA LYS A 243 -7.38 -10.34 -6.82
C LYS A 243 -7.94 -11.64 -7.36
N TRP A 244 -7.61 -12.75 -6.71
CA TRP A 244 -8.28 -14.01 -7.01
C TRP A 244 -8.55 -14.80 -5.75
N ALA A 245 -9.53 -15.71 -5.86
CA ALA A 245 -9.94 -16.62 -4.80
C ALA A 245 -10.04 -18.00 -5.43
N ALA A 246 -9.49 -19.02 -4.76
CA ALA A 246 -9.43 -20.36 -5.32
C ALA A 246 -9.96 -21.39 -4.33
N VAL A 247 -10.67 -22.40 -4.84
CA VAL A 247 -11.14 -23.54 -4.07
C VAL A 247 -10.76 -24.82 -4.80
N VAL A 248 -10.46 -25.86 -4.03
CA VAL A 248 -10.18 -27.20 -4.57
C VAL A 248 -11.47 -27.99 -4.51
N VAL A 249 -11.89 -28.51 -5.67
CA VAL A 249 -13.22 -29.12 -5.77
C VAL A 249 -13.09 -30.54 -6.28
N PRO A 250 -13.92 -31.47 -5.80
CA PRO A 250 -13.92 -32.83 -6.36
C PRO A 250 -14.29 -32.83 -7.84
N SER A 251 -13.65 -33.70 -8.60
CA SER A 251 -13.98 -33.84 -10.02
C SER A 251 -15.47 -34.09 -10.22
N GLY A 252 -16.07 -33.30 -11.11
CA GLY A 252 -17.46 -33.43 -11.44
C GLY A 252 -18.40 -32.56 -10.63
N GLU A 253 -17.90 -31.92 -9.57
CA GLU A 253 -18.75 -31.13 -8.68
C GLU A 253 -18.69 -29.63 -8.94
N GLU A 254 -18.11 -29.23 -10.08
CA GLU A 254 -17.84 -27.81 -10.33
C GLU A 254 -19.09 -26.95 -10.25
N GLN A 255 -20.25 -27.46 -10.67
CA GLN A 255 -21.42 -26.59 -10.73
C GLN A 255 -22.07 -26.34 -9.37
N ARG A 256 -21.59 -27.00 -8.31
CA ARG A 256 -22.05 -26.68 -6.97
C ARG A 256 -21.41 -25.41 -6.43
N TYR A 257 -20.41 -24.87 -7.11
CA TYR A 257 -19.64 -23.74 -6.61
C TYR A 257 -20.00 -22.46 -7.36
N THR A 258 -20.15 -21.37 -6.60
CA THR A 258 -20.41 -20.05 -7.20
C THR A 258 -19.45 -19.04 -6.60
N CYS A 259 -18.95 -18.14 -7.45
CA CYS A 259 -18.11 -17.04 -7.00
C CYS A 259 -18.95 -15.77 -6.91
N HIS A 260 -18.67 -14.96 -5.89
CA HIS A 260 -19.46 -13.77 -5.58
C HIS A 260 -18.55 -12.58 -5.46
N VAL A 261 -18.90 -11.49 -6.15
CA VAL A 261 -18.04 -10.31 -6.28
C VAL A 261 -18.83 -9.08 -5.89
N GLN A 262 -18.26 -8.26 -5.01
CA GLN A 262 -18.82 -6.95 -4.69
C GLN A 262 -17.75 -5.89 -4.90
N HIS A 263 -18.12 -4.81 -5.59
CA HIS A 263 -17.21 -3.71 -5.84
C HIS A 263 -18.03 -2.45 -6.10
N GLU A 264 -17.48 -1.32 -5.67
CA GLU A 264 -18.12 -0.02 -5.85
C GLU A 264 -18.54 0.23 -7.29
N GLY A 265 -17.75 -0.26 -8.25
CA GLY A 265 -18.05 -0.06 -9.65
C GLY A 265 -19.14 -0.94 -10.21
N LEU A 266 -19.66 -1.87 -9.40
CA LEU A 266 -20.76 -2.75 -9.82
C LEU A 266 -22.07 -2.27 -9.22
N PRO A 267 -23.09 -2.06 -10.05
CA PRO A 267 -24.40 -1.66 -9.51
C PRO A 267 -25.02 -2.72 -8.63
N LYS A 268 -24.84 -3.99 -8.96
CA LYS A 268 -25.25 -5.07 -8.09
C LYS A 268 -24.16 -6.10 -7.93
N PRO A 269 -24.14 -6.85 -6.83
CA PRO A 269 -23.16 -7.92 -6.68
C PRO A 269 -23.30 -8.96 -7.79
N LEU A 270 -22.17 -9.52 -8.19
CA LEU A 270 -22.10 -10.50 -9.27
C LEU A 270 -21.99 -11.91 -8.71
N THR A 271 -22.58 -12.85 -9.44
CA THR A 271 -22.39 -14.28 -9.22
C THR A 271 -21.85 -14.88 -10.51
N LEU A 272 -20.81 -15.71 -10.41
CA LEU A 272 -20.19 -16.36 -11.56
C LEU A 272 -19.98 -17.83 -11.26
N ARG A 273 -19.86 -18.63 -12.32
CA ARG A 273 -19.54 -20.05 -12.21
C ARG A 273 -18.52 -20.40 -13.27
N TRP A 274 -17.93 -21.59 -13.12
CA TRP A 274 -17.12 -22.17 -14.17
C TRP A 274 -17.99 -22.45 -15.38
N GLU A 275 -17.59 -21.94 -16.55
CA GLU A 275 -18.29 -22.12 -17.81
C GLU A 275 -17.34 -22.83 -18.76
N PRO A 276 -17.40 -24.17 -18.83
CA PRO A 276 -16.46 -24.96 -19.65
C PRO A 276 -16.64 -24.72 -21.14
N ILE B 1 10.94 -7.28 16.85
CA ILE B 1 9.89 -7.94 16.08
C ILE B 1 9.93 -7.52 14.62
N GLN B 2 10.08 -8.51 13.73
CA GLN B 2 10.19 -8.26 12.30
C GLN B 2 9.14 -9.09 11.57
N ARG B 3 8.83 -8.69 10.34
CA ARG B 3 7.80 -9.36 9.55
C ARG B 3 8.36 -9.67 8.17
N THR B 4 8.17 -10.92 7.73
CA THR B 4 8.82 -11.35 6.50
C THR B 4 7.91 -11.03 5.32
N PRO B 5 8.46 -10.77 4.14
CA PRO B 5 7.61 -10.33 3.03
C PRO B 5 6.72 -11.43 2.47
N LYS B 6 5.48 -11.06 2.16
CA LYS B 6 4.66 -11.82 1.23
C LYS B 6 5.10 -11.48 -0.19
N ILE B 7 4.98 -12.44 -1.11
CA ILE B 7 5.47 -12.30 -2.47
C ILE B 7 4.44 -12.83 -3.47
N GLN B 8 4.08 -12.00 -4.45
CA GLN B 8 3.29 -12.46 -5.60
C GLN B 8 3.96 -12.02 -6.89
N VAL B 9 4.09 -12.94 -7.84
CA VAL B 9 4.64 -12.68 -9.18
C VAL B 9 3.54 -12.94 -10.19
N TYR B 10 3.34 -12.01 -11.12
CA TYR B 10 2.15 -12.04 -11.96
C TYR B 10 2.33 -11.02 -13.08
N SER B 11 1.40 -11.04 -14.02
CA SER B 11 1.45 -10.14 -15.16
C SER B 11 0.37 -9.08 -15.06
N ARG B 12 0.63 -7.93 -15.69
CA ARG B 12 -0.35 -6.85 -15.69
C ARG B 12 -1.64 -7.27 -16.40
N HIS B 13 -1.52 -8.03 -17.48
CA HIS B 13 -2.65 -8.54 -18.24
C HIS B 13 -2.53 -10.04 -18.37
N PRO B 14 -3.62 -10.74 -18.66
CA PRO B 14 -3.51 -12.19 -18.87
C PRO B 14 -2.47 -12.49 -19.94
N ALA B 15 -1.62 -13.47 -19.66
CA ALA B 15 -0.48 -13.73 -20.53
C ALA B 15 -0.94 -14.33 -21.86
N GLU B 16 -0.33 -13.84 -22.93
CA GLU B 16 -0.52 -14.41 -24.26
C GLU B 16 0.85 -14.47 -24.92
N ASN B 17 1.26 -15.68 -25.31
CA ASN B 17 2.58 -15.87 -25.88
C ASN B 17 2.80 -14.98 -27.09
N GLY B 18 3.97 -14.33 -27.13
CA GLY B 18 4.31 -13.41 -28.19
C GLY B 18 3.79 -12.01 -28.04
N LYS B 19 2.89 -11.77 -27.07
CA LYS B 19 2.40 -10.43 -26.80
C LYS B 19 3.06 -9.76 -25.59
N SER B 20 3.52 -8.54 -25.82
CA SER B 20 4.18 -7.74 -24.79
C SER B 20 3.23 -7.47 -23.63
N ASN B 21 3.82 -7.40 -22.43
CA ASN B 21 3.09 -7.38 -21.18
C ASN B 21 4.00 -6.75 -20.15
N PHE B 22 3.60 -6.77 -18.87
CA PHE B 22 4.47 -6.34 -17.78
C PHE B 22 4.53 -7.45 -16.74
N LEU B 23 5.74 -7.76 -16.28
CA LEU B 23 5.98 -8.75 -15.24
C LEU B 23 6.10 -7.98 -13.94
N ASN B 24 5.26 -8.35 -12.96
CA ASN B 24 5.22 -7.67 -11.68
C ASN B 24 5.68 -8.61 -10.57
N CYS B 25 6.44 -8.08 -9.62
CA CYS B 25 6.66 -8.77 -8.34
C CYS B 25 6.23 -7.81 -7.23
N TYR B 26 5.17 -8.17 -6.52
CA TYR B 26 4.63 -7.37 -5.42
C TYR B 26 5.09 -7.97 -4.11
N VAL B 27 5.86 -7.21 -3.35
CA VAL B 27 6.32 -7.62 -2.03
C VAL B 27 5.62 -6.75 -1.00
N SER B 28 5.07 -7.38 0.04
CA SER B 28 4.24 -6.64 0.97
C SER B 28 4.31 -7.28 2.35
N GLY B 29 3.77 -6.56 3.33
CA GLY B 29 3.69 -7.07 4.69
C GLY B 29 4.99 -7.21 5.43
N PHE B 30 6.06 -6.53 5.00
CA PHE B 30 7.36 -6.71 5.60
C PHE B 30 7.77 -5.53 6.49
N HIS B 31 8.65 -5.82 7.43
CA HIS B 31 9.20 -4.81 8.32
C HIS B 31 10.46 -5.43 8.91
N PRO B 32 11.60 -4.72 8.90
CA PRO B 32 11.80 -3.34 8.45
C PRO B 32 11.81 -3.19 6.92
N SER B 33 12.10 -1.97 6.45
CA SER B 33 11.83 -1.59 5.07
C SER B 33 12.91 -2.05 4.09
N ASP B 34 14.14 -2.29 4.53
CA ASP B 34 15.18 -2.71 3.59
C ASP B 34 14.81 -4.04 2.95
N ILE B 35 14.88 -4.10 1.63
CA ILE B 35 14.50 -5.31 0.91
C ILE B 35 15.20 -5.28 -0.44
N GLU B 36 15.53 -6.47 -0.95
CA GLU B 36 16.20 -6.61 -2.24
C GLU B 36 15.34 -7.52 -3.12
N VAL B 37 14.99 -7.03 -4.30
CA VAL B 37 14.12 -7.78 -5.22
C VAL B 37 14.74 -7.80 -6.61
N ASP B 38 14.87 -8.99 -7.20
CA ASP B 38 15.31 -9.15 -8.57
C ASP B 38 14.23 -9.85 -9.37
N LEU B 39 14.05 -9.45 -10.62
CA LEU B 39 13.24 -10.22 -11.56
C LEU B 39 14.20 -11.03 -12.42
N LEU B 40 13.90 -12.31 -12.60
CA LEU B 40 14.77 -13.22 -13.34
C LEU B 40 14.11 -13.69 -14.63
N LYS B 41 14.91 -13.80 -15.68
CA LYS B 41 14.51 -14.47 -16.92
C LYS B 41 15.48 -15.61 -17.15
N ASN B 42 14.97 -16.83 -17.13
CA ASN B 42 15.79 -18.02 -17.29
C ASN B 42 16.96 -18.03 -16.31
N GLY B 43 16.69 -17.64 -15.07
CA GLY B 43 17.67 -17.65 -14.00
C GLY B 43 18.57 -16.45 -13.92
N GLU B 44 18.52 -15.54 -14.89
CA GLU B 44 19.44 -14.39 -14.93
C GLU B 44 18.70 -13.10 -14.63
N ARG B 45 19.38 -12.18 -13.95
CA ARG B 45 18.73 -10.94 -13.53
C ARG B 45 18.40 -10.06 -14.72
N ILE B 46 17.15 -9.60 -14.78
CA ILE B 46 16.70 -8.63 -15.75
C ILE B 46 17.19 -7.25 -15.30
N GLU B 47 17.79 -6.49 -16.21
CA GLU B 47 18.35 -5.18 -15.88
C GLU B 47 17.31 -4.08 -15.98
N LYS B 48 17.58 -2.99 -15.25
CA LYS B 48 16.77 -1.77 -15.30
C LYS B 48 15.32 -1.99 -14.83
N VAL B 49 15.10 -2.95 -13.93
CA VAL B 49 13.78 -3.15 -13.36
C VAL B 49 13.44 -1.94 -12.48
N GLU B 50 12.21 -1.45 -12.62
CA GLU B 50 11.80 -0.28 -11.86
C GLU B 50 10.92 -0.71 -10.67
N HIS B 51 10.75 0.20 -9.72
CA HIS B 51 9.86 -0.09 -8.60
C HIS B 51 9.09 1.14 -8.17
N SER B 52 7.94 0.89 -7.55
CA SER B 52 7.08 1.93 -7.01
C SER B 52 7.75 2.59 -5.81
N ASP B 53 7.22 3.73 -5.40
CA ASP B 53 7.76 4.39 -4.22
C ASP B 53 7.32 3.64 -2.98
N LEU B 54 8.25 3.41 -2.06
CA LEU B 54 7.96 2.71 -0.81
C LEU B 54 6.80 3.37 -0.08
N SER B 55 5.84 2.56 0.37
CA SER B 55 4.80 3.06 1.27
C SER B 55 4.39 1.93 2.21
N PHE B 56 3.38 2.20 3.03
CA PHE B 56 3.04 1.23 4.06
C PHE B 56 1.52 1.14 4.25
N SER B 57 1.10 0.05 4.87
CA SER B 57 -0.29 -0.30 5.05
C SER B 57 -0.77 0.13 6.44
N LYS B 58 -2.05 -0.14 6.71
CA LYS B 58 -2.62 0.24 8.00
C LYS B 58 -1.91 -0.40 9.18
N ASP B 59 -1.40 -1.63 9.01
CA ASP B 59 -0.67 -2.30 10.06
C ASP B 59 0.81 -1.91 10.13
N TRP B 60 1.19 -0.86 9.41
CA TRP B 60 2.54 -0.28 9.37
C TRP B 60 3.52 -1.07 8.51
N SER B 61 3.14 -2.22 7.97
CA SER B 61 4.09 -2.99 7.16
C SER B 61 4.24 -2.36 5.77
N PHE B 62 5.42 -2.57 5.17
CA PHE B 62 5.76 -1.93 3.91
C PHE B 62 5.35 -2.75 2.69
N TYR B 63 5.24 -2.07 1.55
CA TYR B 63 4.99 -2.76 0.29
C TYR B 63 5.64 -2.02 -0.87
N LEU B 64 6.00 -2.79 -1.90
CA LEU B 64 6.66 -2.29 -3.10
C LEU B 64 6.22 -3.14 -4.27
N LEU B 65 6.09 -2.51 -5.45
CA LEU B 65 5.89 -3.22 -6.72
C LEU B 65 7.13 -3.05 -7.59
N TYR B 66 7.73 -4.16 -7.99
CA TYR B 66 8.81 -4.18 -8.96
C TYR B 66 8.23 -4.65 -10.30
N TYR B 67 8.69 -4.04 -11.40
CA TYR B 67 8.03 -4.32 -12.67
C TYR B 67 8.96 -4.08 -13.84
N THR B 68 8.69 -4.82 -14.92
CA THR B 68 9.43 -4.65 -16.17
C THR B 68 8.57 -5.17 -17.32
N GLU B 69 8.79 -4.60 -18.51
CA GLU B 69 8.14 -5.11 -19.71
C GLU B 69 8.67 -6.50 -20.02
N PHE B 70 7.82 -7.40 -20.54
CA PHE B 70 8.45 -8.64 -20.97
C PHE B 70 7.46 -9.19 -22.00
N THR B 71 7.92 -10.09 -22.85
CA THR B 71 7.03 -10.77 -23.78
C THR B 71 7.03 -12.27 -23.48
N PRO B 72 5.99 -12.78 -22.81
CA PRO B 72 5.98 -14.19 -22.44
C PRO B 72 5.99 -15.09 -23.67
N THR B 73 6.60 -16.26 -23.51
CA THR B 73 6.62 -17.30 -24.53
C THR B 73 6.29 -18.63 -23.87
N GLU B 74 6.24 -19.70 -24.67
CA GLU B 74 5.98 -21.01 -24.09
C GLU B 74 7.12 -21.46 -23.18
N LYS B 75 8.37 -21.26 -23.59
CA LYS B 75 9.49 -21.89 -22.89
C LYS B 75 10.23 -20.98 -21.92
N ASP B 76 10.17 -19.66 -22.10
CA ASP B 76 10.92 -18.79 -21.21
C ASP B 76 10.36 -18.83 -19.80
N GLU B 77 11.25 -18.94 -18.81
CA GLU B 77 10.87 -19.02 -17.42
C GLU B 77 11.19 -17.70 -16.73
N TYR B 78 10.27 -17.22 -15.90
CA TYR B 78 10.46 -15.98 -15.17
C TYR B 78 10.24 -16.23 -13.69
N ALA B 79 10.89 -15.40 -12.87
CA ALA B 79 10.76 -15.55 -11.42
C ALA B 79 11.08 -14.22 -10.75
N CYS B 80 10.76 -14.15 -9.46
CA CYS B 80 11.14 -13.04 -8.62
C CYS B 80 11.97 -13.59 -7.46
N ARG B 81 13.07 -12.90 -7.15
CA ARG B 81 13.99 -13.35 -6.10
C ARG B 81 14.09 -12.25 -5.04
N VAL B 82 13.78 -12.60 -3.79
CA VAL B 82 13.61 -11.62 -2.73
C VAL B 82 14.56 -11.94 -1.58
N ASN B 83 15.22 -10.91 -1.05
CA ASN B 83 15.97 -11.07 0.19
C ASN B 83 15.56 -9.99 1.19
N HIS B 84 15.60 -10.37 2.46
CA HIS B 84 15.13 -9.53 3.56
C HIS B 84 15.83 -10.06 4.80
N VAL B 85 15.94 -9.19 5.81
CA VAL B 85 16.63 -9.60 7.03
C VAL B 85 15.99 -10.84 7.65
N THR B 86 14.68 -11.02 7.45
CA THR B 86 13.98 -12.18 8.02
C THR B 86 14.30 -13.48 7.30
N LEU B 87 14.99 -13.45 6.16
CA LEU B 87 15.22 -14.63 5.35
C LEU B 87 16.68 -15.06 5.42
N SER B 88 16.89 -16.36 5.63
CA SER B 88 18.24 -16.92 5.69
C SER B 88 18.91 -16.85 4.32
N GLN B 89 18.16 -17.15 3.27
CA GLN B 89 18.66 -17.20 1.90
C GLN B 89 17.61 -16.53 1.01
N PRO B 90 17.95 -16.19 -0.24
CA PRO B 90 16.94 -15.56 -1.10
C PRO B 90 15.77 -16.49 -1.34
N LYS B 91 14.57 -15.91 -1.38
CA LYS B 91 13.35 -16.64 -1.69
C LYS B 91 12.99 -16.42 -3.14
N ILE B 92 12.82 -17.50 -3.90
CA ILE B 92 12.52 -17.43 -5.32
C ILE B 92 11.10 -17.95 -5.54
N VAL B 93 10.27 -17.11 -6.17
CA VAL B 93 8.92 -17.47 -6.54
C VAL B 93 8.83 -17.44 -8.06
N LYS B 94 8.41 -18.55 -8.65
CA LYS B 94 8.35 -18.66 -10.10
C LYS B 94 7.07 -18.02 -10.62
N TRP B 95 7.17 -17.37 -11.77
CA TRP B 95 5.98 -16.85 -12.43
C TRP B 95 5.19 -18.00 -13.03
N ASP B 96 3.90 -18.05 -12.69
CA ASP B 96 2.94 -19.01 -13.22
C ASP B 96 1.81 -18.18 -13.78
N ARG B 97 1.58 -18.28 -15.10
CA ARG B 97 0.58 -17.45 -15.75
C ARG B 97 -0.84 -17.72 -15.25
N ASP B 98 -1.05 -18.83 -14.54
CA ASP B 98 -2.36 -19.15 -13.99
C ASP B 98 -2.58 -18.58 -12.60
N MET B 99 -1.65 -17.80 -12.08
CA MET B 99 -1.79 -17.19 -10.76
C MET B 99 -1.46 -15.71 -10.83
N ARG C 1 -2.82 19.44 0.56
CA ARG C 1 -1.47 19.82 0.97
C ARG C 1 -1.21 19.42 2.43
N GLN C 2 0.07 19.34 2.79
CA GLN C 2 0.47 18.84 4.10
C GLN C 2 0.15 19.83 5.21
N ASP C 3 0.03 19.28 6.42
CA ASP C 3 -0.01 20.09 7.63
C ASP C 3 1.40 20.64 7.91
N ILE C 4 1.44 21.78 8.60
CA ILE C 4 2.70 22.44 8.91
C ILE C 4 3.12 22.26 10.35
N LEU C 5 2.29 21.61 11.16
CA LEU C 5 2.50 21.61 12.59
C LEU C 5 3.67 20.63 12.82
N ASP C 6 4.73 21.06 13.50
CA ASP C 6 5.85 20.16 13.78
C ASP C 6 5.57 19.30 15.00
N LEU C 7 5.73 17.97 14.86
CA LEU C 7 5.49 17.03 15.95
C LEU C 7 6.82 16.50 16.46
N TRP C 8 7.18 16.88 17.68
CA TRP C 8 8.36 16.35 18.35
C TRP C 8 7.89 15.41 19.46
N ILE C 9 8.23 14.13 19.35
CA ILE C 9 7.81 13.15 20.35
C ILE C 9 8.48 13.40 21.71
#